data_3GKN
#
_entry.id   3GKN
#
_cell.length_a   101.110
_cell.length_b   56.490
_cell.length_c   74.900
_cell.angle_alpha   90.00
_cell.angle_beta   119.55
_cell.angle_gamma   90.00
#
_symmetry.space_group_name_H-M   'C 1 2 1'
#
loop_
_entity.id
_entity.type
_entity.pdbx_description
1 polymer 'Bacterioferritin comigratory protein'
2 non-polymer 'NAPHTHALENE-2,6-DISULFONIC ACID'
3 non-polymer GLYCEROL
4 non-polymer 'SULFATE ION'
5 water water
#
_entity_poly.entity_id   1
_entity_poly.type   'polypeptide(L)'
_entity_poly.pdbx_seq_one_letter_code
;SNAMTDAVLELPAATFDLPLSLSGGTQTTLRAHAGHWLVIYFYPKDSTPGATTEGLDFNALLPEFDKAGAKILGVSRDSV
KSHDNFCAKQGFAFPLVSDGDEALCRAFDVIKEKNMYGKQVLGIERSTFLLSPEGQVVQAWRKVKVAGHADAVLAALKAH
AKQ
;
_entity_poly.pdbx_strand_id   A,B
#
# COMPACT_ATOMS: atom_id res chain seq x y z
N MET A 4 -28.91 -19.47 -19.13
CA MET A 4 -29.56 -19.49 -17.79
C MET A 4 -29.38 -18.13 -17.13
N THR A 5 -30.22 -17.84 -16.13
CA THR A 5 -30.15 -16.56 -15.42
C THR A 5 -30.32 -16.74 -13.92
N ASP A 6 -29.98 -15.71 -13.16
CA ASP A 6 -30.12 -15.75 -11.72
C ASP A 6 -30.59 -14.39 -11.20
N ALA A 7 -30.88 -14.33 -9.90
CA ALA A 7 -31.34 -13.10 -9.28
C ALA A 7 -30.18 -12.25 -8.78
N VAL A 8 -30.31 -10.94 -8.90
CA VAL A 8 -29.28 -10.03 -8.44
C VAL A 8 -29.29 -9.93 -6.93
N LEU A 9 -28.16 -9.53 -6.35
CA LEU A 9 -28.06 -9.39 -4.90
C LEU A 9 -28.89 -8.21 -4.41
N GLU A 10 -29.55 -8.41 -3.27
CA GLU A 10 -30.36 -7.36 -2.67
C GLU A 10 -29.85 -7.17 -1.24
N LEU A 11 -29.18 -6.05 -1.00
CA LEU A 11 -28.63 -5.77 0.32
C LEU A 11 -29.70 -5.24 1.27
N PRO A 12 -29.62 -5.63 2.55
CA PRO A 12 -30.61 -5.15 3.52
C PRO A 12 -30.41 -3.65 3.66
N ALA A 13 -31.48 -2.91 3.92
CA ALA A 13 -31.38 -1.46 4.04
C ALA A 13 -30.43 -1.02 5.15
N ALA A 14 -30.28 -1.87 6.17
CA ALA A 14 -29.41 -1.54 7.30
C ALA A 14 -27.93 -1.54 6.95
N THR A 15 -27.56 -2.13 5.81
CA THR A 15 -26.17 -2.22 5.40
C THR A 15 -25.48 -0.87 5.19
N PHE A 16 -26.25 0.08 4.67
CA PHE A 16 -25.80 1.43 4.34
C PHE A 16 -24.95 2.11 5.41
N ASP A 17 -25.38 2.05 6.66
CA ASP A 17 -24.61 2.70 7.70
C ASP A 17 -24.11 1.81 8.83
N LEU A 18 -24.00 0.50 8.56
CA LEU A 18 -23.46 -0.41 9.56
C LEU A 18 -22.06 0.11 9.88
N PRO A 19 -21.73 0.28 11.16
CA PRO A 19 -20.38 0.78 11.48
C PRO A 19 -19.36 -0.33 11.27
N LEU A 20 -18.36 -0.06 10.42
CA LEU A 20 -17.34 -1.05 10.13
C LEU A 20 -16.07 -0.79 10.92
N SER A 21 -15.75 -1.72 11.82
CA SER A 21 -14.58 -1.60 12.67
C SER A 21 -13.25 -1.77 11.92
N LEU A 22 -12.42 -0.73 12.01
CA LEU A 22 -11.12 -0.74 11.40
C LEU A 22 -10.13 -0.77 12.57
N SER A 23 -8.91 -0.28 12.39
CA SER A 23 -7.93 -0.31 13.47
C SER A 23 -7.89 0.94 14.36
N GLY A 24 -7.31 0.79 15.54
CA GLY A 24 -7.20 1.91 16.47
C GLY A 24 -8.48 2.61 16.87
N GLY A 25 -9.53 1.83 17.13
CA GLY A 25 -10.79 2.39 17.53
C GLY A 25 -11.42 3.30 16.49
N THR A 26 -11.14 3.05 15.22
CA THR A 26 -11.70 3.86 14.15
C THR A 26 -12.69 3.01 13.35
N GLN A 27 -13.56 3.68 12.59
CA GLN A 27 -14.55 2.97 11.81
C GLN A 27 -14.97 3.76 10.58
N THR A 28 -15.68 3.08 9.68
CA THR A 28 -16.18 3.70 8.46
C THR A 28 -17.54 3.06 8.18
N THR A 29 -18.15 3.43 7.06
CA THR A 29 -19.45 2.87 6.65
C THR A 29 -19.44 2.83 5.14
N LEU A 30 -20.34 2.04 4.55
CA LEU A 30 -20.41 1.99 3.10
C LEU A 30 -20.85 3.36 2.61
N ARG A 31 -21.78 3.97 3.34
CA ARG A 31 -22.30 5.31 3.02
C ARG A 31 -21.16 6.30 2.78
N ALA A 32 -20.14 6.22 3.62
CA ALA A 32 -18.99 7.12 3.52
C ALA A 32 -18.22 6.98 2.22
N HIS A 33 -18.43 5.87 1.52
CA HIS A 33 -17.73 5.64 0.27
C HIS A 33 -18.47 6.08 -0.98
N ALA A 34 -19.63 6.70 -0.81
CA ALA A 34 -20.41 7.17 -1.94
C ALA A 34 -19.59 8.18 -2.75
N GLY A 35 -19.72 8.10 -4.07
CA GLY A 35 -18.99 9.02 -4.92
C GLY A 35 -17.79 8.39 -5.58
N HIS A 36 -17.41 7.21 -5.11
CA HIS A 36 -16.26 6.50 -5.67
C HIS A 36 -16.55 5.02 -5.71
N TRP A 37 -15.88 4.32 -6.63
CA TRP A 37 -16.06 2.88 -6.74
C TRP A 37 -15.51 2.24 -5.49
N LEU A 38 -16.07 1.09 -5.13
CA LEU A 38 -15.62 0.37 -3.94
C LEU A 38 -15.54 -1.12 -4.17
N VAL A 39 -14.42 -1.70 -3.77
CA VAL A 39 -14.22 -3.13 -3.87
C VAL A 39 -14.22 -3.66 -2.43
N ILE A 40 -15.12 -4.58 -2.15
CA ILE A 40 -15.18 -5.19 -0.82
C ILE A 40 -14.83 -6.65 -1.04
N TYR A 41 -13.69 -7.10 -0.52
CA TYR A 41 -13.35 -8.50 -0.67
C TYR A 41 -13.36 -9.19 0.70
N PHE A 42 -14.08 -10.29 0.76
CA PHE A 42 -14.20 -11.08 1.99
C PHE A 42 -13.27 -12.27 1.90
N TYR A 43 -12.51 -12.52 2.96
CA TYR A 43 -11.61 -13.67 2.98
C TYR A 43 -11.85 -14.42 4.28
N PRO A 44 -11.66 -15.75 4.26
CA PRO A 44 -11.87 -16.61 5.42
C PRO A 44 -11.15 -16.34 6.73
N LYS A 45 -9.84 -16.13 6.67
CA LYS A 45 -9.07 -15.97 7.90
C LYS A 45 -7.76 -15.21 7.73
N ASP A 46 -7.45 -14.37 8.72
CA ASP A 46 -6.20 -13.60 8.69
C ASP A 46 -4.99 -14.53 8.69
N SER A 47 -3.89 -13.99 8.17
CA SER A 47 -2.60 -14.68 8.16
C SER A 47 -2.51 -16.07 7.54
N THR A 48 -3.26 -16.31 6.47
CA THR A 48 -3.20 -17.59 5.77
C THR A 48 -2.57 -17.27 4.42
N PRO A 49 -2.02 -18.28 3.74
CA PRO A 49 -1.41 -18.02 2.43
C PRO A 49 -2.37 -17.33 1.46
N GLY A 50 -3.60 -17.83 1.41
CA GLY A 50 -4.60 -17.27 0.52
C GLY A 50 -4.99 -15.84 0.83
N ALA A 51 -5.15 -15.53 2.12
CA ALA A 51 -5.52 -14.18 2.53
C ALA A 51 -4.37 -13.23 2.23
N THR A 52 -3.14 -13.71 2.46
CA THR A 52 -1.97 -12.89 2.21
C THR A 52 -1.80 -12.61 0.72
N THR A 53 -1.90 -13.66 -0.10
CA THR A 53 -1.75 -13.50 -1.54
C THR A 53 -2.82 -12.57 -2.11
N GLU A 54 -4.07 -12.77 -1.71
CA GLU A 54 -5.15 -11.93 -2.23
C GLU A 54 -4.90 -10.47 -1.84
N GLY A 55 -4.53 -10.24 -0.59
CA GLY A 55 -4.27 -8.88 -0.14
C GLY A 55 -3.10 -8.23 -0.85
N LEU A 56 -2.03 -8.99 -1.04
CA LEU A 56 -0.86 -8.44 -1.72
C LEU A 56 -1.15 -8.22 -3.20
N ASP A 57 -2.03 -9.03 -3.78
CA ASP A 57 -2.40 -8.82 -5.17
C ASP A 57 -3.14 -7.49 -5.30
N PHE A 58 -3.99 -7.18 -4.34
CA PHE A 58 -4.70 -5.90 -4.39
C PHE A 58 -3.69 -4.77 -4.17
N ASN A 59 -2.69 -5.01 -3.33
CA ASN A 59 -1.64 -4.03 -3.08
C ASN A 59 -0.91 -3.72 -4.38
N ALA A 60 -0.66 -4.75 -5.17
CA ALA A 60 0.06 -4.60 -6.43
C ALA A 60 -0.73 -3.79 -7.46
N LEU A 61 -2.06 -3.79 -7.33
CA LEU A 61 -2.92 -3.07 -8.25
C LEU A 61 -3.49 -1.77 -7.69
N LEU A 62 -3.15 -1.47 -6.44
CA LEU A 62 -3.67 -0.27 -5.80
C LEU A 62 -3.45 1.00 -6.63
N PRO A 63 -2.28 1.15 -7.25
CA PRO A 63 -2.11 2.37 -8.05
C PRO A 63 -3.16 2.50 -9.14
N GLU A 64 -3.51 1.38 -9.77
CA GLU A 64 -4.51 1.40 -10.83
C GLU A 64 -5.90 1.62 -10.26
N PHE A 65 -6.19 1.02 -9.12
CA PHE A 65 -7.49 1.22 -8.51
C PHE A 65 -7.61 2.70 -8.09
N ASP A 66 -6.53 3.24 -7.54
CA ASP A 66 -6.51 4.63 -7.09
C ASP A 66 -6.73 5.59 -8.25
N LYS A 67 -6.11 5.29 -9.39
CA LYS A 67 -6.25 6.12 -10.58
C LYS A 67 -7.72 6.20 -10.95
N ALA A 68 -8.45 5.11 -10.74
CA ALA A 68 -9.87 5.05 -11.05
C ALA A 68 -10.72 5.62 -9.90
N GLY A 69 -10.05 6.12 -8.87
CA GLY A 69 -10.75 6.70 -7.73
C GLY A 69 -11.41 5.68 -6.83
N ALA A 70 -11.19 4.41 -7.11
CA ALA A 70 -11.77 3.32 -6.33
C ALA A 70 -11.04 3.11 -5.01
N LYS A 71 -11.74 2.52 -4.05
CA LYS A 71 -11.20 2.22 -2.74
C LYS A 71 -11.36 0.73 -2.50
N ILE A 72 -10.46 0.16 -1.71
CA ILE A 72 -10.49 -1.27 -1.40
C ILE A 72 -10.69 -1.48 0.10
N LEU A 73 -11.49 -2.49 0.44
CA LEU A 73 -11.72 -2.87 1.82
C LEU A 73 -11.66 -4.39 1.91
N GLY A 74 -10.80 -4.92 2.77
CA GLY A 74 -10.70 -6.35 2.98
C GLY A 74 -11.56 -6.65 4.19
N VAL A 75 -12.19 -7.82 4.23
CA VAL A 75 -13.08 -8.16 5.36
C VAL A 75 -12.99 -9.61 5.82
N SER A 76 -12.91 -9.81 7.13
CA SER A 76 -12.95 -11.15 7.70
C SER A 76 -13.60 -10.96 9.07
N ARG A 77 -13.90 -12.06 9.76
CA ARG A 77 -14.54 -11.97 11.07
C ARG A 77 -13.53 -11.86 12.19
N ASP A 78 -12.25 -11.86 11.85
CA ASP A 78 -11.20 -11.76 12.85
C ASP A 78 -11.22 -10.44 13.60
N SER A 79 -10.67 -10.46 14.80
CA SER A 79 -10.62 -9.28 15.66
C SER A 79 -9.72 -8.18 15.10
N VAL A 80 -9.87 -6.98 15.65
CA VAL A 80 -9.04 -5.86 15.23
C VAL A 80 -7.59 -6.18 15.59
N LYS A 81 -7.38 -6.84 16.72
CA LYS A 81 -6.05 -7.21 17.17
C LYS A 81 -5.41 -8.15 16.13
N SER A 82 -6.19 -9.13 15.69
CA SER A 82 -5.70 -10.07 14.68
C SER A 82 -5.37 -9.32 13.40
N HIS A 83 -6.26 -8.41 13.00
CA HIS A 83 -6.04 -7.60 11.80
C HIS A 83 -4.78 -6.78 11.93
N ASP A 84 -4.56 -6.21 13.12
CA ASP A 84 -3.37 -5.40 13.36
C ASP A 84 -2.10 -6.23 13.19
N ASN A 85 -2.13 -7.48 13.65
CA ASN A 85 -0.97 -8.36 13.51
C ASN A 85 -0.74 -8.66 12.03
N PHE A 86 -1.80 -9.09 11.36
CA PHE A 86 -1.77 -9.41 9.94
C PHE A 86 -1.20 -8.22 9.19
N CYS A 87 -1.70 -7.04 9.55
CA CYS A 87 -1.28 -5.77 8.96
C CYS A 87 0.20 -5.48 9.20
N ALA A 88 0.64 -5.69 10.43
CA ALA A 88 2.03 -5.44 10.79
C ALA A 88 2.99 -6.33 10.04
N LYS A 89 2.51 -7.51 9.64
CA LYS A 89 3.36 -8.46 8.93
C LYS A 89 3.33 -8.34 7.41
N GLN A 90 2.18 -7.98 6.84
CA GLN A 90 2.08 -7.88 5.39
C GLN A 90 2.04 -6.47 4.80
N GLY A 91 1.62 -5.50 5.60
CA GLY A 91 1.57 -4.13 5.12
C GLY A 91 0.61 -3.83 3.98
N PHE A 92 -0.67 -4.10 4.19
CA PHE A 92 -1.67 -3.83 3.17
C PHE A 92 -1.93 -2.32 3.12
N ALA A 93 -1.97 -1.76 1.91
CA ALA A 93 -2.18 -0.33 1.74
C ALA A 93 -3.65 0.07 1.70
N PHE A 94 -4.46 -0.64 2.47
CA PHE A 94 -5.89 -0.37 2.55
C PHE A 94 -6.37 -0.92 3.88
N PRO A 95 -7.58 -0.55 4.30
CA PRO A 95 -8.12 -1.03 5.58
C PRO A 95 -8.66 -2.45 5.58
N LEU A 96 -8.60 -3.08 6.75
CA LEU A 96 -9.16 -4.41 6.95
C LEU A 96 -10.30 -4.22 7.94
N VAL A 97 -11.48 -4.65 7.54
CA VAL A 97 -12.67 -4.54 8.38
C VAL A 97 -12.79 -5.76 9.28
N SER A 98 -12.97 -5.51 10.58
CA SER A 98 -13.16 -6.58 11.56
C SER A 98 -14.66 -6.70 11.72
N ASP A 99 -15.24 -7.72 11.08
CA ASP A 99 -16.68 -7.96 11.12
C ASP A 99 -16.97 -9.06 12.15
N GLY A 100 -16.63 -8.76 13.40
CA GLY A 100 -16.82 -9.71 14.49
C GLY A 100 -18.20 -10.29 14.66
N ASP A 101 -19.23 -9.46 14.55
CA ASP A 101 -20.59 -9.95 14.72
C ASP A 101 -21.19 -10.47 13.43
N GLU A 102 -20.36 -10.53 12.38
CA GLU A 102 -20.76 -11.03 11.07
C GLU A 102 -21.88 -10.23 10.39
N ALA A 103 -22.10 -9.01 10.84
CA ALA A 103 -23.16 -8.19 10.28
C ALA A 103 -22.98 -7.93 8.79
N LEU A 104 -21.78 -7.51 8.39
CA LEU A 104 -21.52 -7.23 6.99
C LEU A 104 -21.51 -8.51 6.18
N CYS A 105 -20.93 -9.58 6.74
CA CYS A 105 -20.87 -10.85 6.05
C CYS A 105 -22.27 -11.37 5.76
N ARG A 106 -23.17 -11.27 6.73
CA ARG A 106 -24.54 -11.73 6.51
C ARG A 106 -25.26 -10.85 5.50
N ALA A 107 -24.97 -9.56 5.51
CA ALA A 107 -25.61 -8.64 4.57
C ALA A 107 -25.31 -9.05 3.14
N PHE A 108 -24.06 -9.44 2.88
CA PHE A 108 -23.65 -9.87 1.55
C PHE A 108 -23.85 -11.37 1.34
N ASP A 109 -24.39 -12.03 2.34
CA ASP A 109 -24.68 -13.47 2.29
C ASP A 109 -23.45 -14.34 2.00
N VAL A 110 -22.33 -14.05 2.66
CA VAL A 110 -21.11 -14.83 2.43
C VAL A 110 -20.85 -15.88 3.51
N ILE A 111 -21.70 -15.96 4.52
CA ILE A 111 -21.52 -16.97 5.57
C ILE A 111 -22.19 -18.25 5.09
N LYS A 112 -21.40 -19.31 4.96
CA LYS A 112 -21.92 -20.59 4.49
C LYS A 112 -21.56 -21.69 5.47
N GLU A 113 -22.37 -22.75 5.51
CA GLU A 113 -22.11 -23.88 6.38
C GLU A 113 -21.56 -24.99 5.51
N LYS A 114 -20.43 -25.56 5.92
CA LYS A 114 -19.81 -26.64 5.16
C LYS A 114 -19.35 -27.76 6.07
N ASN A 115 -19.39 -28.99 5.54
CA ASN A 115 -18.92 -30.15 6.29
C ASN A 115 -17.41 -30.05 6.23
N MET A 116 -16.80 -29.77 7.37
CA MET A 116 -15.35 -29.62 7.43
C MET A 116 -14.84 -30.01 8.81
N TYR A 117 -13.60 -30.49 8.87
CA TYR A 117 -12.98 -30.90 10.13
C TYR A 117 -13.84 -31.87 10.94
N GLY A 118 -14.46 -32.81 10.25
CA GLY A 118 -15.28 -33.82 10.89
C GLY A 118 -16.62 -33.32 11.42
N LYS A 119 -17.00 -32.10 11.07
CA LYS A 119 -18.26 -31.54 11.52
C LYS A 119 -18.74 -30.45 10.59
N GLN A 120 -19.76 -29.71 11.01
CA GLN A 120 -20.30 -28.62 10.19
C GLN A 120 -19.69 -27.32 10.70
N VAL A 121 -19.16 -26.53 9.78
CA VAL A 121 -18.53 -25.28 10.14
C VAL A 121 -19.13 -24.10 9.40
N LEU A 122 -19.44 -23.04 10.14
CA LEU A 122 -19.99 -21.83 9.55
C LEU A 122 -18.80 -20.90 9.35
N GLY A 123 -18.70 -20.30 8.17
CA GLY A 123 -17.58 -19.41 7.93
C GLY A 123 -17.73 -18.65 6.63
N ILE A 124 -16.78 -17.76 6.40
CA ILE A 124 -16.79 -16.95 5.20
C ILE A 124 -16.40 -17.70 3.95
N GLU A 125 -17.22 -17.58 2.92
CA GLU A 125 -16.93 -18.17 1.63
C GLU A 125 -16.25 -17.00 0.91
N ARG A 126 -15.02 -17.18 0.46
CA ARG A 126 -14.27 -16.13 -0.21
C ARG A 126 -15.14 -15.53 -1.32
N SER A 127 -15.44 -14.24 -1.20
CA SER A 127 -16.31 -13.54 -2.16
C SER A 127 -15.88 -12.09 -2.27
N THR A 128 -16.18 -11.46 -3.39
CA THR A 128 -15.82 -10.07 -3.62
C THR A 128 -16.95 -9.35 -4.31
N PHE A 129 -17.09 -8.05 -4.04
CA PHE A 129 -18.15 -7.26 -4.63
C PHE A 129 -17.63 -5.92 -5.11
N LEU A 130 -18.11 -5.49 -6.27
CA LEU A 130 -17.73 -4.21 -6.85
C LEU A 130 -18.95 -3.30 -6.80
N LEU A 131 -18.82 -2.18 -6.09
CA LEU A 131 -19.93 -1.23 -5.95
C LEU A 131 -19.61 0.08 -6.66
N SER A 132 -20.63 0.63 -7.32
CA SER A 132 -20.49 1.88 -8.06
C SER A 132 -20.50 3.09 -7.14
N PRO A 133 -20.12 4.27 -7.67
CA PRO A 133 -20.11 5.49 -6.87
C PRO A 133 -21.51 5.78 -6.34
N GLU A 134 -22.53 5.26 -7.02
CA GLU A 134 -23.92 5.46 -6.62
C GLU A 134 -24.41 4.44 -5.58
N GLY A 135 -23.53 3.55 -5.17
CA GLY A 135 -23.88 2.56 -4.18
C GLY A 135 -24.57 1.29 -4.65
N GLN A 136 -24.49 1.01 -5.95
CA GLN A 136 -25.11 -0.20 -6.47
C GLN A 136 -24.09 -1.32 -6.55
N VAL A 137 -24.52 -2.55 -6.25
CA VAL A 137 -23.60 -3.68 -6.37
C VAL A 137 -23.63 -3.96 -7.87
N VAL A 138 -22.52 -3.69 -8.53
CA VAL A 138 -22.42 -3.87 -9.98
C VAL A 138 -21.96 -5.26 -10.42
N GLN A 139 -21.10 -5.88 -9.64
CA GLN A 139 -20.60 -7.21 -9.97
C GLN A 139 -20.22 -7.96 -8.70
N ALA A 140 -20.40 -9.28 -8.73
CA ALA A 140 -20.08 -10.11 -7.60
C ALA A 140 -19.30 -11.34 -8.03
N TRP A 141 -18.49 -11.84 -7.10
CA TRP A 141 -17.68 -13.04 -7.31
C TRP A 141 -17.82 -13.87 -6.03
N ARG A 142 -18.24 -15.12 -6.17
CA ARG A 142 -18.38 -16.00 -5.00
C ARG A 142 -17.54 -17.26 -5.24
N LYS A 143 -17.21 -17.98 -4.17
CA LYS A 143 -16.36 -19.17 -4.28
C LYS A 143 -15.10 -18.76 -5.03
N VAL A 144 -14.57 -17.60 -4.64
CA VAL A 144 -13.40 -17.02 -5.28
C VAL A 144 -12.12 -17.85 -5.23
N LYS A 145 -11.46 -17.93 -6.38
CA LYS A 145 -10.17 -18.61 -6.49
C LYS A 145 -9.21 -17.43 -6.47
N VAL A 146 -8.27 -17.44 -5.54
CA VAL A 146 -7.33 -16.32 -5.41
C VAL A 146 -6.49 -15.97 -6.64
N ALA A 147 -5.92 -16.99 -7.28
CA ALA A 147 -5.08 -16.75 -8.44
C ALA A 147 -5.76 -15.91 -9.53
N GLY A 148 -5.19 -14.74 -9.81
CA GLY A 148 -5.71 -13.86 -10.82
C GLY A 148 -6.98 -13.12 -10.46
N HIS A 149 -7.43 -13.24 -9.22
CA HIS A 149 -8.66 -12.59 -8.82
C HIS A 149 -8.62 -11.06 -8.83
N ALA A 150 -7.64 -10.48 -8.15
CA ALA A 150 -7.55 -9.02 -8.12
C ALA A 150 -7.47 -8.47 -9.54
N ASP A 151 -6.75 -9.17 -10.41
CA ASP A 151 -6.65 -8.77 -11.81
C ASP A 151 -8.03 -8.71 -12.46
N ALA A 152 -8.84 -9.73 -12.19
CA ALA A 152 -10.19 -9.82 -12.76
C ALA A 152 -11.11 -8.73 -12.22
N VAL A 153 -10.95 -8.38 -10.96
CA VAL A 153 -11.78 -7.34 -10.37
C VAL A 153 -11.42 -5.98 -10.99
N LEU A 154 -10.12 -5.72 -11.17
CA LEU A 154 -9.69 -4.47 -11.78
C LEU A 154 -10.21 -4.40 -13.22
N ALA A 155 -10.14 -5.53 -13.93
CA ALA A 155 -10.61 -5.58 -15.31
C ALA A 155 -12.11 -5.27 -15.39
N ALA A 156 -12.88 -5.81 -14.43
CA ALA A 156 -14.31 -5.57 -14.39
C ALA A 156 -14.56 -4.10 -14.12
N LEU A 157 -13.82 -3.53 -13.18
CA LEU A 157 -13.97 -2.10 -12.86
C LEU A 157 -13.76 -1.27 -14.12
N LYS A 158 -12.67 -1.53 -14.83
CA LYS A 158 -12.38 -0.78 -16.05
C LYS A 158 -13.44 -0.94 -17.12
N ALA A 159 -14.06 -2.11 -17.17
CA ALA A 159 -15.10 -2.38 -18.17
C ALA A 159 -16.39 -1.63 -17.85
N HIS A 160 -16.70 -1.47 -16.56
CA HIS A 160 -17.91 -0.77 -16.15
C HIS A 160 -17.75 0.74 -16.10
N ALA A 161 -16.53 1.21 -15.96
CA ALA A 161 -16.26 2.64 -15.88
C ALA A 161 -15.90 3.23 -17.24
N LYS A 162 -14.91 4.11 -17.24
CA LYS A 162 -14.44 4.76 -18.47
C LYS A 162 -14.19 3.78 -19.62
N ALA B 3 30.82 17.02 -21.37
CA ALA B 3 29.72 17.37 -20.42
C ALA B 3 28.77 16.19 -20.23
N MET B 4 29.03 15.11 -20.96
CA MET B 4 28.20 13.91 -20.88
C MET B 4 28.48 13.13 -19.59
N THR B 5 29.27 13.73 -18.70
CA THR B 5 29.62 13.07 -17.46
C THR B 5 29.10 13.81 -16.23
N ASP B 6 28.99 13.08 -15.13
CA ASP B 6 28.52 13.62 -13.87
C ASP B 6 29.43 13.12 -12.75
N ALA B 7 29.46 13.85 -11.64
CA ALA B 7 30.28 13.44 -10.51
C ALA B 7 29.52 12.38 -9.72
N VAL B 8 30.22 11.36 -9.26
CA VAL B 8 29.60 10.30 -8.49
C VAL B 8 29.36 10.78 -7.06
N LEU B 9 28.13 10.61 -6.58
CA LEU B 9 27.78 11.04 -5.23
C LEU B 9 28.49 10.18 -4.18
N GLU B 10 29.31 10.83 -3.36
CA GLU B 10 30.01 10.14 -2.29
C GLU B 10 29.50 10.71 -0.98
N LEU B 11 28.75 9.92 -0.24
CA LEU B 11 28.17 10.36 1.02
C LEU B 11 29.18 10.46 2.15
N PRO B 12 29.14 11.59 2.90
CA PRO B 12 30.06 11.79 4.02
C PRO B 12 29.80 10.70 5.06
N ALA B 13 30.84 10.30 5.79
CA ALA B 13 30.71 9.27 6.80
C ALA B 13 29.55 9.50 7.78
N ALA B 14 29.40 10.74 8.25
CA ALA B 14 28.33 11.06 9.19
C ALA B 14 26.93 10.71 8.68
N THR B 15 26.75 10.78 7.36
CA THR B 15 25.45 10.51 6.75
C THR B 15 24.86 9.17 7.16
N PHE B 16 25.71 8.16 7.24
CA PHE B 16 25.26 6.80 7.54
C PHE B 16 24.80 6.54 8.97
N ASP B 17 25.09 7.47 9.87
CA ASP B 17 24.68 7.34 11.27
C ASP B 17 23.53 8.26 11.64
N LEU B 18 23.14 9.13 10.70
CA LEU B 18 22.04 10.06 10.97
C LEU B 18 20.76 9.27 11.24
N PRO B 19 20.10 9.54 12.38
CA PRO B 19 18.87 8.81 12.69
C PRO B 19 17.74 9.13 11.71
N LEU B 20 16.98 8.09 11.36
CA LEU B 20 15.85 8.23 10.47
C LEU B 20 14.63 7.89 11.33
N SER B 21 13.88 8.92 11.72
CA SER B 21 12.71 8.72 12.58
C SER B 21 11.57 7.95 11.93
N LEU B 22 11.19 6.83 12.55
CA LEU B 22 10.12 5.99 12.07
C LEU B 22 8.90 6.14 12.98
N SER B 23 7.90 5.28 12.80
CA SER B 23 6.70 5.34 13.62
C SER B 23 6.88 4.51 14.89
N GLY B 24 6.01 4.74 15.86
CA GLY B 24 6.10 4.00 17.12
C GLY B 24 7.29 4.45 17.95
N GLY B 25 7.72 5.69 17.74
CA GLY B 25 8.86 6.21 18.48
C GLY B 25 10.12 5.41 18.26
N THR B 26 10.41 5.09 17.00
CA THR B 26 11.60 4.32 16.67
C THR B 26 12.40 5.02 15.59
N GLN B 27 13.57 4.48 15.29
CA GLN B 27 14.44 5.04 14.27
C GLN B 27 15.38 3.99 13.71
N THR B 28 16.04 4.34 12.61
CA THR B 28 17.00 3.46 11.98
C THR B 28 18.06 4.36 11.34
N THR B 29 19.03 3.76 10.67
CA THR B 29 20.08 4.52 10.00
C THR B 29 20.46 3.80 8.71
N LEU B 30 21.20 4.48 7.84
CA LEU B 30 21.62 3.84 6.61
C LEU B 30 22.59 2.71 6.91
N ARG B 31 23.48 2.92 7.87
CA ARG B 31 24.45 1.89 8.23
C ARG B 31 23.75 0.62 8.72
N ALA B 32 22.63 0.77 9.40
CA ALA B 32 21.90 -0.38 9.91
C ALA B 32 21.44 -1.29 8.78
N HIS B 33 21.37 -0.74 7.56
CA HIS B 33 20.93 -1.50 6.40
C HIS B 33 22.05 -2.22 5.65
N ALA B 34 23.25 -2.24 6.24
CA ALA B 34 24.37 -2.93 5.61
C ALA B 34 23.96 -4.35 5.27
N GLY B 35 24.30 -4.80 4.08
CA GLY B 35 23.94 -6.13 3.65
C GLY B 35 22.70 -6.14 2.76
N HIS B 36 21.94 -5.05 2.80
CA HIS B 36 20.73 -4.92 1.99
C HIS B 36 20.93 -3.86 0.93
N TRP B 37 20.34 -4.07 -0.24
CA TRP B 37 20.37 -3.03 -1.26
C TRP B 37 19.37 -2.04 -0.70
N LEU B 38 19.55 -0.76 -0.97
CA LEU B 38 18.63 0.23 -0.44
C LEU B 38 18.15 1.20 -1.49
N VAL B 39 16.85 1.40 -1.55
CA VAL B 39 16.26 2.35 -2.47
C VAL B 39 15.79 3.48 -1.57
N ILE B 40 16.39 4.66 -1.74
CA ILE B 40 16.01 5.81 -0.93
C ILE B 40 15.44 6.84 -1.88
N TYR B 41 14.15 7.14 -1.74
CA TYR B 41 13.56 8.14 -2.61
C TYR B 41 13.10 9.34 -1.80
N PHE B 42 13.40 10.51 -2.32
CA PHE B 42 13.06 11.78 -1.70
C PHE B 42 11.92 12.42 -2.48
N TYR B 43 10.98 13.03 -1.77
CA TYR B 43 9.86 13.69 -2.43
C TYR B 43 9.51 14.98 -1.70
N PRO B 44 9.05 15.99 -2.46
CA PRO B 44 8.66 17.28 -1.88
C PRO B 44 7.33 17.18 -1.15
N LYS B 45 7.08 18.08 -0.20
CA LYS B 45 5.84 18.08 0.55
C LYS B 45 4.65 18.48 -0.32
N GLY B 50 1.13 12.73 -6.43
CA GLY B 50 2.61 12.67 -6.61
C GLY B 50 3.28 11.91 -5.48
N ALA B 51 3.12 12.41 -4.26
CA ALA B 51 3.71 11.76 -3.10
C ALA B 51 3.03 10.43 -2.84
N THR B 52 1.71 10.46 -2.72
CA THR B 52 0.94 9.24 -2.48
C THR B 52 1.15 8.25 -3.62
N THR B 53 1.13 8.75 -4.85
CA THR B 53 1.31 7.90 -6.01
C THR B 53 2.67 7.21 -6.05
N GLU B 54 3.74 7.97 -5.85
CA GLU B 54 5.07 7.35 -5.88
C GLU B 54 5.17 6.31 -4.77
N GLY B 55 4.60 6.62 -3.62
CA GLY B 55 4.62 5.68 -2.51
C GLY B 55 3.85 4.41 -2.82
N LEU B 56 2.68 4.55 -3.44
CA LEU B 56 1.88 3.40 -3.81
C LEU B 56 2.56 2.57 -4.89
N ASP B 57 3.28 3.23 -5.78
CA ASP B 57 3.97 2.53 -6.87
C ASP B 57 5.08 1.65 -6.29
N PHE B 58 5.86 2.18 -5.35
CA PHE B 58 6.91 1.39 -4.75
C PHE B 58 6.29 0.26 -3.92
N ASN B 59 5.22 0.56 -3.20
CA ASN B 59 4.60 -0.47 -2.39
C ASN B 59 4.05 -1.59 -3.26
N ALA B 60 3.53 -1.24 -4.43
CA ALA B 60 2.97 -2.24 -5.35
C ALA B 60 4.03 -3.27 -5.76
N LEU B 61 5.29 -2.86 -5.75
CA LEU B 61 6.39 -3.73 -6.14
C LEU B 61 7.23 -4.23 -4.96
N LEU B 62 6.77 -3.98 -3.75
CA LEU B 62 7.52 -4.38 -2.56
C LEU B 62 8.00 -5.83 -2.56
N PRO B 63 7.12 -6.79 -2.89
CA PRO B 63 7.56 -8.19 -2.89
C PRO B 63 8.74 -8.43 -3.81
N GLU B 64 8.77 -7.72 -4.94
CA GLU B 64 9.88 -7.87 -5.88
C GLU B 64 11.15 -7.27 -5.30
N PHE B 65 11.02 -6.11 -4.64
CA PHE B 65 12.19 -5.50 -4.03
C PHE B 65 12.71 -6.39 -2.91
N ASP B 66 11.81 -7.01 -2.15
CA ASP B 66 12.20 -7.91 -1.07
C ASP B 66 13.01 -9.06 -1.64
N LYS B 67 12.47 -9.68 -2.69
CA LYS B 67 13.12 -10.81 -3.34
C LYS B 67 14.53 -10.48 -3.83
N ALA B 68 14.75 -9.22 -4.19
CA ALA B 68 16.05 -8.78 -4.67
C ALA B 68 16.99 -8.43 -3.54
N GLY B 69 16.51 -8.56 -2.31
CA GLY B 69 17.34 -8.25 -1.15
C GLY B 69 17.46 -6.75 -0.89
N ALA B 70 16.42 -6.01 -1.24
CA ALA B 70 16.43 -4.57 -1.04
C ALA B 70 15.38 -4.09 -0.04
N LYS B 71 15.61 -2.90 0.50
CA LYS B 71 14.71 -2.25 1.44
C LYS B 71 14.41 -0.88 0.84
N ILE B 72 13.22 -0.35 1.11
CA ILE B 72 12.84 0.95 0.59
C ILE B 72 12.62 1.95 1.72
N LEU B 73 13.05 3.18 1.50
CA LEU B 73 12.85 4.26 2.45
C LEU B 73 12.39 5.49 1.67
N GLY B 74 11.26 6.06 2.08
CA GLY B 74 10.74 7.24 1.43
C GLY B 74 11.09 8.40 2.35
N VAL B 75 11.62 9.49 1.81
CA VAL B 75 12.04 10.60 2.65
C VAL B 75 11.48 11.95 2.22
N SER B 76 10.98 12.71 3.20
CA SER B 76 10.46 14.04 2.94
C SER B 76 10.75 14.92 4.16
N ARG B 77 10.41 16.20 4.07
CA ARG B 77 10.66 17.12 5.18
C ARG B 77 9.80 16.73 6.38
N ASP B 78 8.50 16.63 6.16
CA ASP B 78 7.58 16.25 7.23
C ASP B 78 6.38 15.50 6.66
N LYS B 81 1.54 11.55 9.84
CA LYS B 81 1.97 10.26 10.44
C LYS B 81 0.96 9.16 10.12
N SER B 82 -0.30 9.56 9.94
CA SER B 82 -1.36 8.61 9.63
C SER B 82 -1.64 8.62 8.13
N HIS B 83 -1.57 7.45 7.51
CA HIS B 83 -1.81 7.32 6.07
C HIS B 83 -3.14 6.65 5.77
N ASP B 84 -3.91 7.27 4.87
CA ASP B 84 -5.21 6.73 4.46
C ASP B 84 -5.06 5.40 3.75
N ASN B 85 -4.05 5.29 2.90
CA ASN B 85 -3.81 4.05 2.16
C ASN B 85 -2.94 3.08 2.95
N PHE B 86 -3.44 2.64 4.10
CA PHE B 86 -2.70 1.68 4.91
C PHE B 86 -3.63 1.02 5.92
N CYS B 87 -3.25 -0.17 6.35
CA CYS B 87 -4.04 -0.95 7.30
C CYS B 87 -3.82 -0.58 8.77
N ALA B 88 -2.89 0.33 9.03
CA ALA B 88 -2.62 0.77 10.39
C ALA B 88 -2.80 2.28 10.48
N LYS B 89 -3.16 2.78 11.65
CA LYS B 89 -3.36 4.22 11.83
C LYS B 89 -2.04 4.98 11.76
N GLN B 90 -0.93 4.25 11.89
CA GLN B 90 0.39 4.85 11.83
C GLN B 90 1.33 3.96 11.03
N GLY B 91 2.33 4.57 10.39
CA GLY B 91 3.29 3.82 9.61
C GLY B 91 2.84 3.50 8.21
N PHE B 92 3.65 2.73 7.49
CA PHE B 92 3.37 2.34 6.12
C PHE B 92 4.06 1.00 5.83
N ALA B 93 3.90 0.48 4.62
CA ALA B 93 4.51 -0.80 4.23
C ALA B 93 6.03 -0.76 4.36
N PHE B 94 6.59 0.42 4.17
CA PHE B 94 8.02 0.64 4.32
C PHE B 94 8.11 2.01 4.98
N PRO B 95 9.24 2.32 5.61
CA PRO B 95 9.40 3.61 6.29
C PRO B 95 9.24 4.87 5.45
N LEU B 96 8.49 5.82 5.99
CA LEU B 96 8.29 7.12 5.36
C LEU B 96 8.91 8.09 6.35
N VAL B 97 10.22 8.27 6.22
CA VAL B 97 11.03 9.12 7.09
C VAL B 97 10.79 10.61 7.00
N SER B 98 10.76 11.27 8.16
CA SER B 98 10.57 12.71 8.23
C SER B 98 11.93 13.30 8.58
N ASP B 99 12.60 13.85 7.57
CA ASP B 99 13.92 14.44 7.74
C ASP B 99 13.77 15.93 8.06
N GLY B 100 13.25 16.20 9.25
CA GLY B 100 13.00 17.56 9.72
C GLY B 100 14.12 18.57 9.55
N ASP B 101 15.32 18.26 9.98
CA ASP B 101 16.42 19.19 9.86
C ASP B 101 17.13 19.11 8.51
N GLU B 102 16.61 18.25 7.63
CA GLU B 102 17.12 18.06 6.28
C GLU B 102 18.59 17.64 6.17
N ALA B 103 19.13 17.06 7.22
CA ALA B 103 20.52 16.61 7.21
C ALA B 103 20.72 15.53 6.15
N LEU B 104 19.76 14.61 6.04
CA LEU B 104 19.88 13.54 5.04
C LEU B 104 19.71 14.10 3.65
N CYS B 105 18.76 15.01 3.48
CA CYS B 105 18.51 15.63 2.18
C CYS B 105 19.74 16.37 1.67
N ARG B 106 20.39 17.12 2.56
CA ARG B 106 21.58 17.85 2.15
C ARG B 106 22.71 16.89 1.78
N ALA B 107 22.81 15.77 2.49
CA ALA B 107 23.86 14.80 2.21
C ALA B 107 23.73 14.24 0.79
N PHE B 108 22.50 14.04 0.34
CA PHE B 108 22.27 13.52 -1.01
C PHE B 108 22.16 14.65 -2.03
N ASP B 109 22.34 15.88 -1.55
CA ASP B 109 22.30 17.07 -2.39
C ASP B 109 20.97 17.21 -3.14
N VAL B 110 19.87 16.92 -2.46
CA VAL B 110 18.56 17.03 -3.09
C VAL B 110 17.86 18.35 -2.75
N ILE B 111 18.50 19.17 -1.92
CA ILE B 111 17.91 20.47 -1.58
C ILE B 111 18.39 21.44 -2.66
N LYS B 112 17.45 21.91 -3.47
CA LYS B 112 17.77 22.84 -4.55
C LYS B 112 17.07 24.17 -4.33
N GLU B 113 17.54 25.19 -5.05
CA GLU B 113 16.94 26.50 -4.92
C GLU B 113 16.33 26.94 -6.23
N LYS B 114 15.19 27.62 -6.14
CA LYS B 114 14.53 28.15 -7.31
C LYS B 114 13.94 29.49 -6.92
N ASN B 115 13.87 30.40 -7.88
CA ASN B 115 13.34 31.73 -7.66
C ASN B 115 11.82 31.70 -7.73
N MET B 116 11.17 31.78 -6.58
CA MET B 116 9.72 31.76 -6.50
C MET B 116 9.21 33.15 -6.13
N TYR B 117 8.51 33.77 -7.06
CA TYR B 117 7.93 35.10 -6.87
C TYR B 117 8.98 36.11 -6.39
N GLY B 118 10.21 35.94 -6.84
CA GLY B 118 11.27 36.86 -6.46
C GLY B 118 12.21 36.37 -5.38
N LYS B 119 11.78 35.38 -4.60
CA LYS B 119 12.59 34.85 -3.50
C LYS B 119 13.26 33.53 -3.83
N GLN B 120 14.52 33.40 -3.42
CA GLN B 120 15.23 32.14 -3.62
C GLN B 120 14.71 31.23 -2.52
N VAL B 121 14.02 30.17 -2.93
CA VAL B 121 13.43 29.21 -2.01
C VAL B 121 14.09 27.84 -2.11
N LEU B 122 14.51 27.30 -0.97
CA LEU B 122 15.13 25.98 -0.96
C LEU B 122 14.04 24.94 -0.80
N GLY B 123 14.20 23.81 -1.49
CA GLY B 123 13.21 22.77 -1.40
C GLY B 123 13.75 21.46 -1.93
N ILE B 124 13.02 20.39 -1.66
CA ILE B 124 13.41 19.06 -2.09
C ILE B 124 13.08 18.82 -3.55
N GLU B 125 14.07 18.40 -4.32
CA GLU B 125 13.89 18.06 -5.73
C GLU B 125 13.70 16.54 -5.71
N ARG B 126 12.57 16.07 -6.23
CA ARG B 126 12.28 14.65 -6.25
C ARG B 126 13.46 13.88 -6.84
N SER B 127 14.04 13.00 -6.03
CA SER B 127 15.21 12.23 -6.43
C SER B 127 15.19 10.86 -5.80
N THR B 128 15.86 9.91 -6.44
CA THR B 128 15.93 8.55 -5.92
C THR B 128 17.35 8.01 -6.07
N PHE B 129 17.76 7.21 -5.09
CA PHE B 129 19.10 6.64 -5.09
C PHE B 129 19.08 5.17 -4.75
N LEU B 130 19.91 4.41 -5.45
CA LEU B 130 20.04 2.99 -5.20
C LEU B 130 21.41 2.80 -4.56
N LEU B 131 21.42 2.33 -3.31
CA LEU B 131 22.67 2.09 -2.59
C LEU B 131 22.95 0.60 -2.51
N SER B 132 24.22 0.25 -2.66
CA SER B 132 24.64 -1.14 -2.60
C SER B 132 24.64 -1.59 -1.14
N PRO B 133 24.81 -2.90 -0.92
CA PRO B 133 24.83 -3.45 0.44
C PRO B 133 26.00 -2.88 1.26
N GLU B 134 26.93 -2.21 0.58
CA GLU B 134 28.08 -1.61 1.26
C GLU B 134 27.93 -0.09 1.43
N GLY B 135 26.77 0.43 1.02
CA GLY B 135 26.53 1.86 1.17
C GLY B 135 26.97 2.76 0.02
N GLN B 136 27.40 2.18 -1.09
CA GLN B 136 27.82 2.99 -2.23
C GLN B 136 26.63 3.40 -3.08
N VAL B 137 26.68 4.60 -3.64
CA VAL B 137 25.60 5.06 -4.49
C VAL B 137 25.84 4.45 -5.86
N VAL B 138 25.07 3.41 -6.18
CA VAL B 138 25.20 2.71 -7.45
C VAL B 138 24.50 3.40 -8.62
N GLN B 139 23.36 4.01 -8.35
CA GLN B 139 22.64 4.71 -9.42
C GLN B 139 21.74 5.77 -8.79
N ALA B 140 21.51 6.85 -9.53
CA ALA B 140 20.67 7.93 -9.03
C ALA B 140 19.74 8.47 -10.11
N TRP B 141 18.64 9.05 -9.66
CA TRP B 141 17.65 9.66 -10.54
C TRP B 141 17.30 11.01 -9.91
N ARG B 142 17.48 12.10 -10.65
CA ARG B 142 17.14 13.42 -10.13
C ARG B 142 16.08 14.05 -11.04
N LYS B 143 15.31 14.99 -10.51
CA LYS B 143 14.22 15.62 -11.26
C LYS B 143 13.33 14.48 -11.75
N VAL B 144 13.01 13.58 -10.83
CA VAL B 144 12.20 12.40 -11.09
C VAL B 144 10.79 12.63 -11.61
N LYS B 145 10.43 11.87 -12.63
CA LYS B 145 9.10 11.90 -13.21
C LYS B 145 8.49 10.63 -12.61
N VAL B 146 7.44 10.78 -11.82
CA VAL B 146 6.82 9.65 -11.15
C VAL B 146 6.30 8.53 -12.06
N ALA B 147 5.67 8.89 -13.16
CA ALA B 147 5.14 7.87 -14.07
C ALA B 147 6.22 6.88 -14.50
N GLY B 148 6.02 5.61 -14.13
CA GLY B 148 6.96 4.56 -14.49
C GLY B 148 8.25 4.52 -13.71
N HIS B 149 8.39 5.39 -12.71
CA HIS B 149 9.62 5.45 -11.94
C HIS B 149 9.96 4.22 -11.10
N ALA B 150 9.02 3.78 -10.27
CA ALA B 150 9.28 2.61 -9.42
C ALA B 150 9.68 1.42 -10.30
N ASP B 151 9.01 1.26 -11.43
CA ASP B 151 9.30 0.18 -12.37
C ASP B 151 10.75 0.30 -12.85
N ALA B 152 11.16 1.52 -13.17
CA ALA B 152 12.52 1.76 -13.67
C ALA B 152 13.56 1.48 -12.60
N VAL B 153 13.27 1.86 -11.36
CA VAL B 153 14.20 1.64 -10.27
C VAL B 153 14.35 0.13 -10.03
N LEU B 154 13.25 -0.60 -10.08
CA LEU B 154 13.29 -2.05 -9.87
C LEU B 154 14.13 -2.71 -10.98
N ALA B 155 13.93 -2.26 -12.22
CA ALA B 155 14.68 -2.82 -13.34
C ALA B 155 16.17 -2.58 -13.14
N ALA B 156 16.52 -1.38 -12.68
CA ALA B 156 17.91 -1.04 -12.44
C ALA B 156 18.48 -1.93 -11.34
N LEU B 157 17.72 -2.09 -10.25
CA LEU B 157 18.15 -2.93 -9.15
C LEU B 157 18.43 -4.37 -9.61
N LYS B 158 17.48 -4.94 -10.34
CA LYS B 158 17.64 -6.31 -10.83
C LYS B 158 18.88 -6.44 -11.68
N ALA B 159 19.16 -5.44 -12.51
CA ALA B 159 20.34 -5.46 -13.36
C ALA B 159 21.64 -5.45 -12.54
N HIS B 160 21.71 -4.54 -11.56
CA HIS B 160 22.89 -4.43 -10.72
C HIS B 160 23.11 -5.60 -9.75
N ALA B 161 22.01 -6.13 -9.21
CA ALA B 161 22.09 -7.23 -8.26
C ALA B 161 22.19 -8.59 -8.91
N LYS B 162 22.53 -8.62 -10.19
CA LYS B 162 22.68 -9.86 -10.94
C LYS B 162 21.37 -10.60 -11.13
#